data_2HG5
#
_entry.id   2HG5
#
_cell.length_a   156.597
_cell.length_b   156.597
_cell.length_c   75.706
_cell.angle_alpha   90.00
_cell.angle_beta   90.00
_cell.angle_gamma   90.00
#
_symmetry.space_group_name_H-M   'I 4'
#
loop_
_entity.id
_entity.type
_entity.pdbx_description
1 polymer 'FAB HEAVY CHAIN'
2 polymer 'FAB LIGHT CHAIN'
3 polymer 'KCSA CHANNEL'
4 non-polymer 'CESIUM ION'
5 non-polymer '(2S)-2-(BUTYRYLOXY)-3-HYDROXYPROPYL NONANOATE'
6 water water
#
loop_
_entity_poly.entity_id
_entity_poly.type
_entity_poly.pdbx_seq_one_letter_code
_entity_poly.pdbx_strand_id
1 'polypeptide(L)'
;QVQLQQPGAELVKPGASVKLSCKASGYTFTSDWIHWVKQRPGHGLEWIGEIIPSYGRANYNEKIQKKATLTADKSSSTAF
MQLSSLTSEDSAVYYCARERGDGYFAVWGAGTTVTVSSAKTTPPSVYPLAPGSAAQTNSMVTLGCLVKGYFPEPVTVTWN
SGSLSSGVHTFPAVLQSDLYTLSSSVTVPSSSWPSETVTCNVAHPASSTKVDKKIVPRD
;
A
2 'polypeptide(L)'
;DILLTQSPAILSVSPGERVSFSCRASQSIGTDIHWYQQRTNGSPRLLIKYASESISGIPSRFSGSGSGTDFTLSINSVES
EDIANYYCQQSNRWPFTFGSGTKLEIKRADAAPTVSIFPPSSEQLTSGGASVVCFLNNFYPKDINVKWKIDGSERQNGVL
NSWTDQDSKDSTYSMSSTLTLTKDEYERHNSYTCEATHKTSTSPIVKSFNRN
;
B
3 'polypeptide(L)'
;SALHWRAAGAATVLLVIVLLAGSYLAVLAERGAPGAQLITYPRALWWACETATTVGY(GOA)DLYPVTLWGRLVAVVVMV
AGITSFGLVTAALATWFVGREQERR
;
C
#
loop_
_chem_comp.id
_chem_comp.type
_chem_comp.name
_chem_comp.formula
B3H non-polymer '(2S)-2-(BUTYRYLOXY)-3-HYDROXYPROPYL NONANOATE' 'C16 H30 O5'
CS non-polymer 'CESIUM ION' 'Cs 1'
GOA non-polymer 'GLYCOLIC ACID' 'C2 H4 O3'
#
# COMPACT_ATOMS: atom_id res chain seq x y z
N GLN A 1 -6.73 -11.59 11.47
CA GLN A 1 -5.55 -11.07 12.19
C GLN A 1 -4.47 -10.59 11.22
N VAL A 2 -4.13 -9.30 11.32
CA VAL A 2 -3.12 -8.69 10.47
C VAL A 2 -2.01 -9.70 10.17
N GLN A 3 -1.97 -10.12 8.90
CA GLN A 3 -1.00 -11.10 8.41
C GLN A 3 0.47 -10.68 8.56
N LEU A 4 0.77 -9.42 8.29
CA LEU A 4 2.15 -8.92 8.42
C LEU A 4 2.18 -7.65 9.27
N GLN A 5 3.01 -7.63 10.31
CA GLN A 5 3.10 -6.47 11.21
C GLN A 5 4.43 -5.77 11.10
N GLN A 6 4.40 -4.50 10.78
CA GLN A 6 5.62 -3.72 10.66
C GLN A 6 5.55 -2.47 11.53
N PRO A 7 6.71 -2.02 12.07
CA PRO A 7 6.79 -0.83 12.92
C PRO A 7 6.24 0.36 12.10
N GLY A 8 5.37 1.18 12.67
CA GLY A 8 4.83 2.30 11.93
C GLY A 8 5.83 3.29 11.32
N ALA A 9 6.92 3.56 12.02
CA ALA A 9 7.90 4.52 11.51
C ALA A 9 9.32 4.32 12.04
N GLU A 10 10.28 4.88 11.30
CA GLU A 10 11.69 4.79 11.65
C GLU A 10 12.39 6.07 11.20
N LEU A 11 13.25 6.60 12.06
CA LEU A 11 14.02 7.80 11.76
C LEU A 11 15.48 7.39 11.69
N VAL A 12 16.19 7.92 10.69
CA VAL A 12 17.58 7.58 10.48
C VAL A 12 18.33 8.84 10.05
N LYS A 13 19.56 9.00 10.54
CA LYS A 13 20.39 10.16 10.19
C LYS A 13 21.15 9.81 8.92
N PRO A 14 21.40 10.80 8.05
CA PRO A 14 22.13 10.52 6.80
C PRO A 14 23.42 9.73 7.05
N GLY A 15 23.62 8.68 6.26
CA GLY A 15 24.81 7.86 6.42
C GLY A 15 24.64 6.74 7.41
N ALA A 16 23.67 6.89 8.31
CA ALA A 16 23.39 5.87 9.32
C ALA A 16 22.71 4.62 8.71
N SER A 17 22.17 3.78 9.57
CA SER A 17 21.52 2.55 9.12
C SER A 17 20.40 2.14 10.06
N VAL A 18 19.36 1.52 9.50
CA VAL A 18 18.23 1.06 10.28
C VAL A 18 17.79 -0.30 9.74
N LYS A 19 17.26 -1.15 10.62
CA LYS A 19 16.82 -2.47 10.23
C LYS A 19 15.32 -2.62 10.46
N LEU A 20 14.56 -2.65 9.36
CA LEU A 20 13.11 -2.79 9.42
C LEU A 20 12.72 -4.24 9.61
N SER A 21 11.57 -4.46 10.25
CA SER A 21 11.10 -5.82 10.51
C SER A 21 9.69 -6.03 9.98
N CYS A 22 9.27 -7.29 9.95
CA CYS A 22 7.96 -7.66 9.43
C CYS A 22 7.65 -9.01 10.06
N LYS A 23 6.72 -9.03 11.02
CA LYS A 23 6.34 -10.28 11.68
C LYS A 23 5.09 -10.86 10.99
N ALA A 24 5.16 -12.12 10.60
CA ALA A 24 4.04 -12.77 9.91
C ALA A 24 3.17 -13.67 10.79
N SER A 25 1.93 -13.85 10.36
CA SER A 25 0.93 -14.68 11.05
C SER A 25 0.13 -15.45 10.02
N GLY A 26 -0.84 -16.22 10.49
CA GLY A 26 -1.63 -17.00 9.57
C GLY A 26 -0.81 -18.21 9.12
N TYR A 27 -1.28 -18.88 8.08
CA TYR A 27 -0.58 -20.04 7.55
C TYR A 27 0.82 -19.70 7.06
N THR A 28 1.74 -20.65 7.15
CA THR A 28 3.11 -20.45 6.69
C THR A 28 3.56 -21.71 5.96
N PHE A 29 4.02 -21.56 4.72
CA PHE A 29 4.47 -22.72 3.94
C PHE A 29 5.93 -22.60 3.52
N THR A 30 6.52 -23.71 3.12
CA THR A 30 7.90 -23.70 2.69
C THR A 30 8.04 -22.86 1.42
N SER A 31 6.94 -22.73 0.70
CA SER A 31 6.88 -21.98 -0.55
C SER A 31 6.56 -20.49 -0.38
N ASP A 32 6.87 -19.93 0.79
CA ASP A 32 6.58 -18.53 1.02
C ASP A 32 7.74 -17.62 0.76
N TRP A 33 7.48 -16.58 -0.01
CA TRP A 33 8.49 -15.57 -0.29
C TRP A 33 7.97 -14.27 0.32
N ILE A 34 8.84 -13.55 1.03
CA ILE A 34 8.50 -12.25 1.59
C ILE A 34 9.20 -11.24 0.71
N HIS A 35 8.44 -10.27 0.20
CA HIS A 35 8.94 -9.21 -0.70
C HIS A 35 8.94 -7.85 0.02
N TRP A 36 9.79 -6.94 -0.45
CA TRP A 36 9.86 -5.60 0.10
C TRP A 36 9.67 -4.63 -1.06
N VAL A 37 8.72 -3.72 -0.93
CA VAL A 37 8.39 -2.75 -1.96
C VAL A 37 8.59 -1.36 -1.38
N LYS A 38 9.27 -0.49 -2.12
CA LYS A 38 9.55 0.87 -1.68
C LYS A 38 8.71 1.89 -2.42
N GLN A 39 8.01 2.77 -1.68
CA GLN A 39 7.17 3.78 -2.31
C GLN A 39 7.50 5.19 -1.84
N ARG A 40 8.03 6.01 -2.74
CA ARG A 40 8.36 7.39 -2.40
C ARG A 40 7.07 8.17 -2.50
N PRO A 41 6.89 9.20 -1.66
CA PRO A 41 5.67 10.02 -1.68
C PRO A 41 5.30 10.56 -3.06
N GLY A 42 4.02 10.49 -3.38
CA GLY A 42 3.52 10.98 -4.65
C GLY A 42 3.92 10.08 -5.81
N HIS A 43 4.70 9.03 -5.54
CA HIS A 43 5.12 8.13 -6.59
C HIS A 43 4.59 6.71 -6.45
N GLY A 44 5.00 5.84 -7.40
CA GLY A 44 4.55 4.47 -7.41
C GLY A 44 5.33 3.46 -6.58
N LEU A 45 5.10 2.19 -6.88
CA LEU A 45 5.71 1.06 -6.18
C LEU A 45 7.00 0.61 -6.86
N GLU A 46 8.02 0.32 -6.06
CA GLU A 46 9.31 -0.13 -6.57
C GLU A 46 9.80 -1.42 -5.87
N TRP A 47 9.76 -2.54 -6.56
CA TRP A 47 10.21 -3.81 -5.99
C TRP A 47 11.67 -3.69 -5.57
N ILE A 48 11.99 -3.99 -4.32
CA ILE A 48 13.36 -3.90 -3.83
C ILE A 48 14.04 -5.26 -3.86
N GLY A 49 13.38 -6.26 -3.30
CA GLY A 49 13.96 -7.59 -3.26
C GLY A 49 13.03 -8.60 -2.62
N GLU A 50 13.49 -9.84 -2.49
CA GLU A 50 12.68 -10.93 -1.94
C GLU A 50 13.55 -11.91 -1.19
N ILE A 51 12.94 -12.65 -0.28
CA ILE A 51 13.67 -13.65 0.45
C ILE A 51 12.75 -14.84 0.71
N ILE A 52 13.33 -16.03 0.77
CA ILE A 52 12.56 -17.23 1.02
C ILE A 52 13.02 -17.73 2.40
N PRO A 53 12.22 -17.47 3.44
CA PRO A 53 12.54 -17.87 4.81
C PRO A 53 12.98 -19.32 5.00
N SER A 54 12.15 -20.27 4.57
CA SER A 54 12.47 -21.68 4.74
C SER A 54 13.87 -22.07 4.27
N TYR A 55 14.40 -21.31 3.32
CA TYR A 55 15.73 -21.60 2.82
C TYR A 55 16.75 -20.49 3.15
N GLY A 56 16.26 -19.27 3.36
CA GLY A 56 17.14 -18.17 3.70
C GLY A 56 17.81 -17.41 2.55
N ARG A 57 17.42 -17.71 1.31
CA ARG A 57 17.99 -17.03 0.15
C ARG A 57 17.20 -15.81 -0.28
N ALA A 58 17.92 -14.77 -0.72
CA ALA A 58 17.31 -13.52 -1.15
C ALA A 58 17.88 -13.03 -2.47
N ASN A 59 17.05 -12.29 -3.20
CA ASN A 59 17.41 -11.72 -4.48
C ASN A 59 17.06 -10.26 -4.41
N TYR A 60 17.79 -9.43 -5.16
CA TYR A 60 17.58 -7.98 -5.16
C TYR A 60 17.45 -7.33 -6.52
N ASN A 61 16.72 -6.22 -6.57
CA ASN A 61 16.54 -5.46 -7.81
C ASN A 61 17.89 -4.96 -8.34
N GLU A 62 18.24 -5.35 -9.56
CA GLU A 62 19.52 -4.91 -10.14
C GLU A 62 19.49 -3.47 -10.64
N LYS A 63 18.32 -3.03 -11.09
CA LYS A 63 18.19 -1.68 -11.64
C LYS A 63 18.34 -0.53 -10.65
N ILE A 64 18.71 -0.86 -9.41
CA ILE A 64 18.90 0.18 -8.38
C ILE A 64 19.99 -0.17 -7.36
N GLN A 65 20.62 0.86 -6.81
CA GLN A 65 21.68 0.69 -5.80
C GLN A 65 21.19 -0.20 -4.67
N LYS A 66 22.05 -1.13 -4.21
CA LYS A 66 21.67 -2.06 -3.16
C LYS A 66 21.87 -1.59 -1.70
N LYS A 67 20.87 -0.87 -1.20
CA LYS A 67 20.90 -0.36 0.17
C LYS A 67 20.39 -1.43 1.14
N ALA A 68 19.62 -2.38 0.61
CA ALA A 68 19.02 -3.43 1.43
C ALA A 68 19.71 -4.79 1.47
N THR A 69 19.54 -5.47 2.60
CA THR A 69 20.10 -6.81 2.82
C THR A 69 19.00 -7.57 3.54
N LEU A 70 18.56 -8.68 2.96
CA LEU A 70 17.48 -9.45 3.56
C LEU A 70 17.92 -10.66 4.36
N THR A 71 17.26 -10.85 5.50
CA THR A 71 17.55 -11.96 6.38
C THR A 71 16.22 -12.45 6.94
N ALA A 72 16.16 -13.68 7.41
CA ALA A 72 14.94 -14.19 7.98
C ALA A 72 15.24 -14.99 9.24
N ASP A 73 14.27 -15.02 10.15
CA ASP A 73 14.43 -15.74 11.39
C ASP A 73 13.26 -16.70 11.53
N LYS A 74 13.51 -17.98 11.25
CA LYS A 74 12.44 -18.99 11.33
C LYS A 74 11.72 -19.07 12.67
N SER A 75 12.47 -19.11 13.77
CA SER A 75 11.85 -19.20 15.11
C SER A 75 10.77 -18.14 15.38
N SER A 76 11.16 -16.85 15.31
CA SER A 76 10.25 -15.74 15.56
C SER A 76 9.42 -15.31 14.35
N SER A 77 9.48 -16.08 13.26
CA SER A 77 8.75 -15.79 12.03
C SER A 77 8.80 -14.33 11.61
N THR A 78 10.01 -13.76 11.62
CA THR A 78 10.19 -12.36 11.24
C THR A 78 11.22 -12.19 10.12
N ALA A 79 10.92 -11.30 9.19
CA ALA A 79 11.82 -11.02 8.08
C ALA A 79 12.38 -9.64 8.35
N PHE A 80 13.67 -9.46 8.09
CA PHE A 80 14.29 -8.17 8.34
C PHE A 80 14.95 -7.65 7.08
N MET A 81 15.01 -6.33 6.96
CA MET A 81 15.66 -5.69 5.84
C MET A 81 16.58 -4.61 6.39
N GLN A 82 17.87 -4.84 6.26
CA GLN A 82 18.91 -3.94 6.72
C GLN A 82 19.23 -2.87 5.68
N LEU A 83 18.77 -1.64 5.91
CA LEU A 83 19.05 -0.52 5.00
C LEU A 83 20.31 0.15 5.55
N SER A 84 21.30 0.41 4.70
CA SER A 84 22.54 1.03 5.19
C SER A 84 22.95 2.29 4.44
N SER A 85 23.78 3.11 5.08
CA SER A 85 24.28 4.35 4.49
C SER A 85 23.20 5.13 3.75
N LEU A 86 22.15 5.48 4.48
CA LEU A 86 21.02 6.19 3.90
C LEU A 86 21.26 7.66 3.53
N THR A 87 20.25 8.24 2.86
CA THR A 87 20.28 9.63 2.44
C THR A 87 18.83 10.02 2.20
N SER A 88 18.57 11.30 1.94
CA SER A 88 17.21 11.77 1.72
C SER A 88 16.51 10.93 0.64
N GLU A 89 17.29 10.40 -0.29
CA GLU A 89 16.76 9.58 -1.38
C GLU A 89 16.09 8.28 -0.86
N ASP A 90 16.66 7.70 0.19
CA ASP A 90 16.14 6.47 0.77
C ASP A 90 14.93 6.69 1.70
N SER A 91 14.37 7.89 1.67
CA SER A 91 13.23 8.24 2.51
C SER A 91 11.90 7.95 1.80
N ALA A 92 11.10 7.06 2.38
CA ALA A 92 9.81 6.68 1.80
C ALA A 92 9.14 5.64 2.66
N VAL A 93 8.04 5.09 2.17
CA VAL A 93 7.31 4.04 2.89
C VAL A 93 7.74 2.69 2.33
N TYR A 94 8.17 1.79 3.21
CA TYR A 94 8.60 0.46 2.82
C TYR A 94 7.54 -0.58 3.19
N TYR A 95 7.05 -1.34 2.22
CA TYR A 95 6.06 -2.37 2.49
C TYR A 95 6.70 -3.74 2.45
N CYS A 96 6.12 -4.72 3.13
CA CYS A 96 6.56 -6.11 3.03
C CYS A 96 5.25 -6.75 2.59
N ALA A 97 5.34 -7.80 1.79
CA ALA A 97 4.14 -8.49 1.32
C ALA A 97 4.51 -9.95 1.26
N ARG A 98 3.52 -10.83 1.27
CA ARG A 98 3.81 -12.25 1.22
C ARG A 98 3.33 -12.78 -0.09
N GLU A 99 4.10 -13.72 -0.65
CA GLU A 99 3.73 -14.33 -1.91
C GLU A 99 3.88 -15.83 -1.69
N ARG A 100 2.84 -16.57 -2.07
CA ARG A 100 2.79 -18.02 -1.93
C ARG A 100 3.49 -18.70 -3.10
N GLY A 101 4.56 -18.09 -3.60
CA GLY A 101 5.27 -18.67 -4.71
C GLY A 101 4.44 -18.83 -5.99
N ASP A 102 3.38 -18.03 -6.14
CA ASP A 102 2.56 -18.11 -7.33
C ASP A 102 2.52 -16.80 -8.09
N GLY A 103 3.32 -15.83 -7.64
CA GLY A 103 3.42 -14.59 -8.36
C GLY A 103 2.70 -13.32 -7.99
N TYR A 104 1.64 -13.40 -7.18
CA TYR A 104 0.95 -12.17 -6.82
C TYR A 104 1.09 -11.97 -5.34
N PHE A 105 0.95 -10.73 -4.91
CA PHE A 105 1.08 -10.39 -3.50
C PHE A 105 -0.30 -10.41 -2.82
N ALA A 106 -0.59 -11.55 -2.19
CA ALA A 106 -1.87 -11.77 -1.50
C ALA A 106 -2.15 -10.73 -0.42
N VAL A 107 -1.19 -10.55 0.48
CA VAL A 107 -1.35 -9.63 1.57
C VAL A 107 -0.17 -8.70 1.78
N TRP A 108 -0.46 -7.45 2.17
CA TRP A 108 0.57 -6.45 2.42
C TRP A 108 0.65 -5.99 3.88
N GLY A 109 1.78 -5.36 4.21
CA GLY A 109 1.98 -4.84 5.55
C GLY A 109 1.48 -3.40 5.55
N ALA A 110 1.23 -2.83 6.72
CA ALA A 110 0.74 -1.46 6.77
C ALA A 110 1.79 -0.51 6.23
N GLY A 111 3.03 -0.96 6.25
CA GLY A 111 4.12 -0.13 5.77
C GLY A 111 4.73 0.65 6.91
N THR A 112 6.06 0.78 6.85
CA THR A 112 6.89 1.48 7.82
C THR A 112 7.45 2.76 7.18
N THR A 113 7.07 3.92 7.72
CA THR A 113 7.55 5.18 7.20
C THR A 113 8.98 5.41 7.66
N VAL A 114 9.90 5.55 6.71
CA VAL A 114 11.30 5.79 7.04
C VAL A 114 11.67 7.20 6.64
N THR A 115 12.31 7.90 7.56
CA THR A 115 12.73 9.27 7.32
C THR A 115 14.22 9.41 7.60
N VAL A 116 14.92 10.06 6.67
CA VAL A 116 16.36 10.28 6.80
C VAL A 116 16.62 11.75 7.04
N SER A 117 16.84 12.11 8.29
CA SER A 117 17.10 13.50 8.63
C SER A 117 18.01 13.63 9.85
N SER A 118 18.63 14.80 9.98
CA SER A 118 19.52 15.09 11.10
C SER A 118 18.72 15.71 12.24
N ALA A 119 17.44 15.94 11.97
CA ALA A 119 16.50 16.51 12.94
C ALA A 119 16.38 15.70 14.23
N LYS A 120 15.40 16.04 15.07
CA LYS A 120 15.18 15.35 16.32
C LYS A 120 13.70 15.00 16.47
N THR A 121 13.43 13.79 16.98
CA THR A 121 12.07 13.34 17.17
C THR A 121 11.33 14.36 18.04
N THR A 122 10.02 14.46 17.87
CA THR A 122 9.22 15.42 18.62
C THR A 122 7.74 15.04 18.60
N PRO A 123 7.15 14.79 19.79
CA PRO A 123 5.73 14.43 19.84
C PRO A 123 4.87 15.63 19.43
N PRO A 124 3.68 15.35 18.89
CA PRO A 124 2.73 16.36 18.43
C PRO A 124 1.87 17.01 19.52
N SER A 125 1.56 18.29 19.32
CA SER A 125 0.72 19.02 20.26
C SER A 125 -0.72 18.98 19.77
N VAL A 126 -1.59 18.40 20.59
CA VAL A 126 -3.01 18.25 20.26
C VAL A 126 -3.89 19.28 20.99
N TYR A 127 -4.75 19.95 20.24
CA TYR A 127 -5.65 20.96 20.79
C TYR A 127 -7.06 20.79 20.20
N PRO A 128 -8.10 21.15 20.96
CA PRO A 128 -9.47 21.00 20.44
C PRO A 128 -9.83 22.07 19.41
N LEU A 129 -10.97 21.86 18.77
CA LEU A 129 -11.48 22.80 17.79
C LEU A 129 -12.99 22.79 17.83
N ALA A 130 -13.55 23.46 18.84
CA ALA A 130 -14.99 23.55 19.00
C ALA A 130 -15.42 24.87 18.36
N PRO A 131 -16.65 24.93 17.84
CA PRO A 131 -17.19 26.12 17.19
C PRO A 131 -17.04 27.36 18.03
N GLY A 132 -17.30 28.51 17.43
CA GLY A 132 -17.22 29.77 18.16
C GLY A 132 -18.60 30.08 18.70
N SER A 133 -18.64 30.64 19.90
CA SER A 133 -19.90 30.99 20.56
C SER A 133 -20.95 31.64 19.65
N ALA A 134 -20.51 32.40 18.66
CA ALA A 134 -21.43 33.09 17.74
C ALA A 134 -21.72 32.33 16.46
N ALA A 135 -21.17 31.11 16.37
CA ALA A 135 -21.35 30.26 15.20
C ALA A 135 -22.69 29.51 15.23
N GLN A 136 -23.68 30.00 14.51
CA GLN A 136 -24.96 29.34 14.45
C GLN A 136 -24.71 27.94 13.87
N THR A 137 -25.62 27.01 14.13
CA THR A 137 -25.43 25.64 13.63
C THR A 137 -26.65 25.09 12.89
N ASN A 138 -26.38 24.24 11.91
CA ASN A 138 -27.44 23.59 11.12
C ASN A 138 -27.77 22.23 11.75
N SER A 139 -28.08 21.24 10.92
CA SER A 139 -28.41 19.92 11.43
C SER A 139 -27.13 19.14 11.73
N MET A 140 -25.99 19.71 11.33
CA MET A 140 -24.69 19.09 11.55
C MET A 140 -23.73 20.10 12.18
N VAL A 141 -22.72 19.60 12.89
CA VAL A 141 -21.72 20.45 13.52
C VAL A 141 -20.34 19.89 13.16
N THR A 142 -19.35 20.76 13.10
CA THR A 142 -18.01 20.33 12.77
C THR A 142 -17.01 20.61 13.88
N LEU A 143 -16.19 19.62 14.18
CA LEU A 143 -15.19 19.75 15.22
C LEU A 143 -13.90 19.32 14.59
N GLY A 144 -12.83 19.21 15.39
CA GLY A 144 -11.55 18.76 14.86
C GLY A 144 -10.46 18.97 15.87
N CYS A 145 -9.26 18.46 15.60
CA CYS A 145 -8.15 18.69 16.52
C CYS A 145 -6.93 19.08 15.72
N LEU A 146 -6.08 19.91 16.33
CA LEU A 146 -4.88 20.41 15.68
C LEU A 146 -3.62 19.74 16.19
N VAL A 147 -2.94 19.01 15.30
CA VAL A 147 -1.72 18.32 15.68
C VAL A 147 -0.59 19.10 15.03
N LYS A 148 0.31 19.64 15.84
CA LYS A 148 1.43 20.43 15.31
C LYS A 148 2.72 20.32 16.12
N GLY A 149 3.82 20.67 15.47
CA GLY A 149 5.13 20.61 16.10
C GLY A 149 5.72 19.22 16.26
N TYR A 150 5.34 18.26 15.42
CA TYR A 150 5.87 16.90 15.52
C TYR A 150 6.88 16.52 14.44
N PHE A 151 7.64 15.47 14.72
CA PHE A 151 8.64 14.98 13.79
C PHE A 151 9.16 13.62 14.23
N PRO A 152 9.31 12.67 13.29
CA PRO A 152 9.04 12.78 11.86
C PRO A 152 7.64 12.27 11.60
N GLU A 153 7.30 12.07 10.33
CA GLU A 153 5.99 11.54 9.98
C GLU A 153 6.00 10.03 10.27
N PRO A 154 4.81 9.42 10.40
CA PRO A 154 3.50 10.04 10.28
C PRO A 154 2.77 10.05 11.64
N VAL A 155 1.49 10.44 11.63
CA VAL A 155 0.65 10.41 12.84
C VAL A 155 -0.68 9.84 12.38
N THR A 156 -1.29 9.00 13.21
CA THR A 156 -2.57 8.38 12.88
C THR A 156 -3.66 8.93 13.77
N VAL A 157 -4.53 9.75 13.19
CA VAL A 157 -5.63 10.34 13.95
C VAL A 157 -6.96 9.61 13.73
N THR A 158 -7.60 9.23 14.82
CA THR A 158 -8.89 8.53 14.77
C THR A 158 -9.88 9.27 15.68
N TRP A 159 -11.18 9.12 15.42
CA TRP A 159 -12.21 9.77 16.22
C TRP A 159 -13.09 8.74 16.93
N ASN A 160 -12.93 8.69 18.25
CA ASN A 160 -13.63 7.76 19.13
C ASN A 160 -13.21 6.34 18.79
N SER A 161 -11.89 6.18 18.69
CA SER A 161 -11.28 4.90 18.39
C SER A 161 -11.80 4.26 17.10
N GLY A 162 -12.07 5.10 16.10
CA GLY A 162 -12.55 4.61 14.83
C GLY A 162 -14.05 4.40 14.69
N SER A 163 -14.80 4.45 15.78
CA SER A 163 -16.23 4.25 15.68
C SER A 163 -16.98 5.41 15.03
N LEU A 164 -16.25 6.43 14.60
CA LEU A 164 -16.86 7.59 13.98
C LEU A 164 -16.25 7.95 12.61
N SER A 165 -15.57 6.98 12.01
CA SER A 165 -14.89 7.15 10.72
C SER A 165 -15.64 7.98 9.67
N SER A 166 -16.96 7.83 9.64
CA SER A 166 -17.78 8.57 8.69
C SER A 166 -17.77 10.06 9.07
N GLY A 167 -17.70 10.92 8.05
CA GLY A 167 -17.66 12.36 8.31
C GLY A 167 -16.34 12.87 8.85
N VAL A 168 -15.26 12.13 8.62
CA VAL A 168 -13.93 12.52 9.09
C VAL A 168 -13.01 12.94 7.95
N HIS A 169 -12.14 13.92 8.21
CA HIS A 169 -11.19 14.42 7.23
C HIS A 169 -9.89 14.68 7.94
N THR A 170 -8.79 14.16 7.43
CA THR A 170 -7.51 14.43 8.04
C THR A 170 -6.59 14.99 6.96
N PHE A 171 -6.45 16.30 6.93
CA PHE A 171 -5.64 16.97 5.94
C PHE A 171 -4.18 16.56 6.00
N PRO A 172 -3.48 16.58 4.86
CA PRO A 172 -2.06 16.24 4.70
C PRO A 172 -1.22 17.20 5.52
N ALA A 173 -0.14 16.74 6.12
CA ALA A 173 0.72 17.63 6.92
C ALA A 173 1.48 18.63 6.04
N VAL A 174 1.97 19.70 6.66
CA VAL A 174 2.77 20.72 5.99
C VAL A 174 4.07 20.89 6.79
N LEU A 175 5.20 20.75 6.12
CA LEU A 175 6.50 20.85 6.78
C LEU A 175 6.98 22.28 6.88
N GLN A 176 7.59 22.60 8.02
CA GLN A 176 8.09 23.94 8.24
C GLN A 176 9.04 23.95 9.43
N SER A 177 10.24 24.48 9.22
CA SER A 177 11.24 24.57 10.28
C SER A 177 11.41 23.26 11.05
N ASP A 178 11.41 22.14 10.33
CA ASP A 178 11.60 20.80 10.92
C ASP A 178 10.47 20.37 11.86
N LEU A 179 9.24 20.72 11.52
CA LEU A 179 8.08 20.36 12.33
C LEU A 179 6.80 20.31 11.49
N TYR A 180 6.22 19.12 11.36
CA TYR A 180 5.00 18.96 10.59
C TYR A 180 3.79 19.40 11.40
N THR A 181 2.70 19.67 10.69
CA THR A 181 1.46 20.09 11.32
C THR A 181 0.27 19.72 10.44
N LEU A 182 -0.77 19.14 11.04
CA LEU A 182 -1.97 18.79 10.28
C LEU A 182 -3.19 18.92 11.18
N SER A 183 -4.36 18.96 10.55
CA SER A 183 -5.61 19.09 11.26
C SER A 183 -6.60 18.05 10.77
N SER A 184 -7.48 17.61 11.67
CA SER A 184 -8.49 16.63 11.30
C SER A 184 -9.85 17.22 11.67
N SER A 185 -10.89 16.85 10.93
CA SER A 185 -12.21 17.37 11.17
C SER A 185 -13.24 16.24 11.24
N VAL A 186 -14.36 16.50 11.89
CA VAL A 186 -15.39 15.50 12.02
C VAL A 186 -16.73 16.21 11.99
N THR A 187 -17.74 15.53 11.50
CA THR A 187 -19.06 16.13 11.42
C THR A 187 -20.10 15.15 11.88
N VAL A 188 -20.65 15.41 13.07
CA VAL A 188 -21.67 14.57 13.66
C VAL A 188 -22.96 15.37 13.73
N PRO A 189 -24.10 14.69 13.88
CA PRO A 189 -25.39 15.39 13.95
C PRO A 189 -25.30 16.43 15.06
N SER A 190 -25.62 17.67 14.74
CA SER A 190 -25.56 18.78 15.70
C SER A 190 -26.18 18.45 17.06
N SER A 191 -27.32 17.79 17.02
CA SER A 191 -28.05 17.42 18.23
C SER A 191 -27.38 16.34 19.06
N SER A 192 -26.45 15.61 18.47
CA SER A 192 -25.76 14.55 19.18
C SER A 192 -24.54 15.05 19.97
N TRP A 193 -24.27 16.35 19.92
CA TRP A 193 -23.13 16.93 20.64
C TRP A 193 -23.52 18.17 21.46
N PRO A 194 -22.95 18.31 22.67
CA PRO A 194 -21.98 17.39 23.29
C PRO A 194 -22.60 16.31 24.15
N SER A 195 -23.86 15.99 23.89
CA SER A 195 -24.57 14.97 24.65
C SER A 195 -23.72 13.72 24.68
N GLU A 196 -23.19 13.39 23.50
CA GLU A 196 -22.34 12.23 23.29
C GLU A 196 -20.91 12.66 23.02
N THR A 197 -20.00 12.22 23.88
CA THR A 197 -18.59 12.56 23.74
C THR A 197 -18.00 12.34 22.34
N VAL A 198 -17.05 13.21 21.99
CA VAL A 198 -16.35 13.16 20.71
C VAL A 198 -14.90 13.44 21.01
N THR A 199 -14.07 12.40 21.05
CA THR A 199 -12.65 12.58 21.34
C THR A 199 -11.79 12.35 20.11
N CYS A 200 -10.56 12.85 20.19
CA CYS A 200 -9.60 12.76 19.11
C CYS A 200 -8.38 11.96 19.54
N ASN A 201 -8.25 10.75 18.99
CA ASN A 201 -7.12 9.87 19.30
C ASN A 201 -6.00 10.14 18.29
N VAL A 202 -4.83 10.48 18.81
CA VAL A 202 -3.67 10.78 17.97
C VAL A 202 -2.50 9.92 18.40
N ALA A 203 -2.00 9.11 17.49
CA ALA A 203 -0.88 8.25 17.78
C ALA A 203 0.34 8.67 16.95
N HIS A 204 1.48 8.82 17.62
CA HIS A 204 2.70 9.22 16.93
C HIS A 204 3.77 8.15 17.10
N PRO A 205 3.71 7.09 16.28
CA PRO A 205 4.63 5.95 16.27
C PRO A 205 6.13 6.24 16.39
N ALA A 206 6.60 7.25 15.67
CA ALA A 206 8.02 7.58 15.70
C ALA A 206 8.53 7.96 17.08
N SER A 207 7.63 8.19 18.03
CA SER A 207 8.04 8.57 19.37
C SER A 207 7.34 7.74 20.44
N SER A 208 6.49 6.81 20.01
CA SER A 208 5.76 5.95 20.92
C SER A 208 4.94 6.76 21.91
N THR A 209 4.10 7.67 21.40
CA THR A 209 3.28 8.48 22.27
C THR A 209 1.87 8.69 21.71
N LYS A 210 0.91 8.00 22.30
CA LYS A 210 -0.48 8.12 21.89
C LYS A 210 -1.15 9.08 22.89
N VAL A 211 -1.98 9.98 22.39
CA VAL A 211 -2.68 10.93 23.25
C VAL A 211 -4.08 11.23 22.72
N ASP A 212 -5.05 11.26 23.63
CA ASP A 212 -6.42 11.58 23.25
C ASP A 212 -6.68 13.04 23.60
N LYS A 213 -7.89 13.51 23.31
CA LYS A 213 -8.27 14.88 23.63
C LYS A 213 -9.76 15.07 23.41
N LYS A 214 -10.50 15.16 24.51
CA LYS A 214 -11.94 15.35 24.47
C LYS A 214 -12.27 16.70 23.84
N ILE A 215 -13.35 16.74 23.08
CA ILE A 215 -13.76 17.98 22.41
C ILE A 215 -15.08 18.51 22.98
N VAL A 216 -14.99 19.39 23.96
CA VAL A 216 -16.18 19.95 24.56
C VAL A 216 -16.35 21.40 24.12
N PRO A 217 -17.58 21.94 24.24
CA PRO A 217 -17.83 23.34 23.83
C PRO A 217 -17.09 24.33 24.72
N ARG A 218 -16.83 25.52 24.20
CA ARG A 218 -16.13 26.57 24.94
C ARG A 218 -17.03 27.06 26.09
N ASP A 219 -16.42 27.48 27.20
CA ASP A 219 -17.11 27.96 28.39
C ASP A 219 -18.65 28.03 28.31
N ASP B 1 14.11 -6.65 -18.74
CA ASP B 1 13.13 -6.57 -17.61
C ASP B 1 11.82 -5.96 -18.12
N ILE B 2 10.76 -6.77 -18.08
CA ILE B 2 9.46 -6.34 -18.58
C ILE B 2 9.00 -4.99 -18.06
N LEU B 3 8.68 -4.14 -19.02
CA LEU B 3 8.21 -2.80 -18.76
C LEU B 3 6.70 -2.75 -18.95
N LEU B 4 5.99 -2.44 -17.88
CA LEU B 4 4.54 -2.34 -17.88
C LEU B 4 4.16 -0.88 -18.02
N THR B 5 3.39 -0.52 -19.04
CA THR B 5 3.01 0.88 -19.21
C THR B 5 1.53 1.08 -18.97
N GLN B 6 1.18 2.03 -18.12
CA GLN B 6 -0.22 2.28 -17.84
C GLN B 6 -0.63 3.65 -18.35
N SER B 7 -1.58 3.68 -19.26
CA SER B 7 -2.03 4.96 -19.80
C SER B 7 -3.53 4.98 -20.04
N PRO B 8 -4.18 6.11 -19.71
CA PRO B 8 -3.56 7.32 -19.15
C PRO B 8 -3.21 7.17 -17.67
N ALA B 9 -2.54 8.18 -17.14
CA ALA B 9 -2.15 8.20 -15.73
C ALA B 9 -3.35 8.59 -14.85
N ILE B 10 -4.26 9.40 -15.40
CA ILE B 10 -5.45 9.84 -14.66
C ILE B 10 -6.66 9.58 -15.51
N LEU B 11 -7.69 8.97 -14.92
CA LEU B 11 -8.91 8.64 -15.63
C LEU B 11 -10.09 9.32 -14.94
N SER B 12 -10.84 10.15 -15.67
CA SER B 12 -11.99 10.83 -15.09
C SER B 12 -13.27 10.23 -15.66
N VAL B 13 -14.18 9.84 -14.76
CA VAL B 13 -15.42 9.25 -15.20
C VAL B 13 -16.61 9.72 -14.37
N SER B 14 -17.80 9.63 -14.95
CA SER B 14 -19.03 10.03 -14.29
C SER B 14 -19.58 8.90 -13.42
N PRO B 15 -20.11 9.25 -12.24
CA PRO B 15 -20.66 8.22 -11.34
C PRO B 15 -21.50 7.21 -12.10
N GLY B 16 -21.35 5.94 -11.74
CA GLY B 16 -22.13 4.88 -12.37
C GLY B 16 -21.68 4.40 -13.74
N GLU B 17 -20.83 5.19 -14.40
CA GLU B 17 -20.33 4.85 -15.72
C GLU B 17 -19.40 3.62 -15.68
N ARG B 18 -18.91 3.20 -16.85
CA ARG B 18 -18.01 2.05 -16.94
C ARG B 18 -16.62 2.53 -17.35
N VAL B 19 -15.64 2.32 -16.48
CA VAL B 19 -14.27 2.75 -16.71
C VAL B 19 -13.35 1.57 -17.04
N SER B 20 -12.29 1.84 -17.82
CA SER B 20 -11.33 0.81 -18.18
C SER B 20 -9.89 1.32 -18.15
N PHE B 21 -9.04 0.66 -17.34
CA PHE B 21 -7.62 1.01 -17.23
C PHE B 21 -6.89 0.02 -18.10
N SER B 22 -5.75 0.43 -18.66
CA SER B 22 -4.98 -0.43 -19.55
C SER B 22 -3.51 -0.56 -19.14
N CYS B 23 -2.95 -1.75 -19.33
CA CYS B 23 -1.54 -2.02 -19.01
C CYS B 23 -0.95 -2.58 -20.31
N ARG B 24 0.24 -2.10 -20.67
CA ARG B 24 0.94 -2.51 -21.90
C ARG B 24 2.28 -3.15 -21.55
N ALA B 25 2.45 -4.43 -21.83
CA ALA B 25 3.71 -5.10 -21.55
C ALA B 25 4.68 -4.97 -22.75
N SER B 26 5.97 -4.78 -22.43
CA SER B 26 6.99 -4.60 -23.43
C SER B 26 7.31 -5.89 -24.15
N GLN B 27 6.61 -6.97 -23.81
CA GLN B 27 6.80 -8.28 -24.45
C GLN B 27 5.78 -9.25 -23.90
N SER B 28 5.36 -10.22 -24.72
CA SER B 28 4.35 -11.16 -24.27
C SER B 28 4.57 -11.85 -22.93
N ILE B 29 3.58 -11.70 -22.05
CA ILE B 29 3.68 -12.31 -20.72
C ILE B 29 2.54 -13.24 -20.35
N GLY B 30 1.77 -13.69 -21.35
CA GLY B 30 0.68 -14.62 -21.12
C GLY B 30 -0.48 -13.90 -20.50
N THR B 31 -0.82 -14.34 -19.30
CA THR B 31 -1.90 -13.75 -18.54
C THR B 31 -1.32 -13.59 -17.15
N ASP B 32 0.00 -13.49 -17.09
CA ASP B 32 0.72 -13.38 -15.82
C ASP B 32 0.70 -11.97 -15.28
N ILE B 33 -0.47 -11.32 -15.33
CA ILE B 33 -0.62 -9.96 -14.87
C ILE B 33 -1.60 -9.94 -13.67
N HIS B 34 -1.37 -9.05 -12.72
CA HIS B 34 -2.21 -8.97 -11.55
C HIS B 34 -2.49 -7.50 -11.23
N TRP B 35 -3.65 -7.19 -10.68
CA TRP B 35 -3.94 -5.80 -10.38
C TRP B 35 -4.10 -5.48 -8.89
N TYR B 36 -3.62 -4.30 -8.51
CA TYR B 36 -3.68 -3.83 -7.14
C TYR B 36 -4.37 -2.50 -7.01
N GLN B 37 -4.98 -2.30 -5.84
CA GLN B 37 -5.64 -1.02 -5.54
C GLN B 37 -4.97 -0.44 -4.30
N GLN B 38 -4.76 0.86 -4.32
CA GLN B 38 -4.17 1.58 -3.20
C GLN B 38 -4.91 2.89 -3.03
N ARG B 39 -5.70 2.99 -1.96
CA ARG B 39 -6.43 4.19 -1.65
C ARG B 39 -5.43 5.09 -0.92
N THR B 40 -5.83 6.33 -0.66
CA THR B 40 -4.97 7.30 0.02
C THR B 40 -4.61 6.84 1.44
N ASN B 41 -3.32 6.90 1.77
CA ASN B 41 -2.83 6.49 3.10
C ASN B 41 -2.96 4.98 3.36
N GLY B 42 -3.34 4.24 2.33
CA GLY B 42 -3.50 2.80 2.47
C GLY B 42 -2.42 1.97 1.80
N SER B 43 -2.52 0.66 1.93
CA SER B 43 -1.55 -0.21 1.32
C SER B 43 -2.20 -0.91 0.13
N PRO B 44 -1.38 -1.43 -0.80
CA PRO B 44 -1.99 -2.09 -1.96
C PRO B 44 -2.91 -3.25 -1.55
N ARG B 45 -3.93 -3.48 -2.38
CA ARG B 45 -4.91 -4.56 -2.21
C ARG B 45 -5.11 -5.30 -3.54
N LEU B 46 -4.79 -6.59 -3.57
CA LEU B 46 -4.92 -7.42 -4.77
C LEU B 46 -6.37 -7.37 -5.23
N LEU B 47 -6.63 -7.08 -6.50
CA LEU B 47 -8.00 -7.01 -6.99
C LEU B 47 -8.33 -8.14 -7.95
N ILE B 48 -7.37 -8.42 -8.83
CA ILE B 48 -7.49 -9.44 -9.85
C ILE B 48 -6.14 -10.11 -10.05
N LYS B 49 -6.15 -11.42 -10.14
CA LYS B 49 -4.91 -12.14 -10.34
C LYS B 49 -4.98 -12.90 -11.65
N TYR B 50 -3.82 -13.05 -12.29
CA TYR B 50 -3.77 -13.76 -13.55
C TYR B 50 -4.74 -13.15 -14.56
N ALA B 51 -4.72 -11.82 -14.66
CA ALA B 51 -5.52 -11.12 -15.65
C ALA B 51 -7.03 -11.21 -15.60
N SER B 52 -7.59 -12.36 -15.20
CA SER B 52 -9.06 -12.52 -15.16
C SER B 52 -9.64 -13.05 -13.87
N GLU B 53 -8.89 -13.90 -13.19
CA GLU B 53 -9.36 -14.50 -11.96
C GLU B 53 -9.75 -13.48 -10.90
N SER B 54 -10.95 -13.66 -10.34
CA SER B 54 -11.46 -12.75 -9.33
C SER B 54 -11.00 -13.16 -7.95
N ILE B 55 -10.72 -12.18 -7.10
CA ILE B 55 -10.30 -12.49 -5.74
C ILE B 55 -11.53 -12.49 -4.83
N SER B 56 -11.44 -13.23 -3.72
CA SER B 56 -12.55 -13.30 -2.78
C SER B 56 -12.61 -12.04 -1.90
N GLY B 57 -13.79 -11.42 -1.88
CA GLY B 57 -13.95 -10.22 -1.08
C GLY B 57 -13.92 -8.95 -1.88
N ILE B 58 -13.91 -9.10 -3.20
CA ILE B 58 -13.87 -7.93 -4.09
C ILE B 58 -15.19 -7.81 -4.84
N PRO B 59 -15.81 -6.62 -4.81
CA PRO B 59 -17.09 -6.42 -5.51
C PRO B 59 -17.10 -7.04 -6.91
N SER B 60 -18.24 -7.63 -7.27
CA SER B 60 -18.39 -8.26 -8.58
C SER B 60 -18.29 -7.23 -9.70
N ARG B 61 -18.15 -5.97 -9.29
CA ARG B 61 -18.04 -4.79 -10.18
C ARG B 61 -16.70 -4.80 -10.93
N PHE B 62 -15.66 -5.31 -10.25
CA PHE B 62 -14.30 -5.40 -10.79
C PHE B 62 -14.06 -6.61 -11.68
N SER B 63 -13.45 -6.40 -12.84
CA SER B 63 -13.13 -7.49 -13.77
C SER B 63 -11.88 -7.21 -14.59
N GLY B 64 -11.24 -8.25 -15.11
CA GLY B 64 -10.03 -8.03 -15.90
C GLY B 64 -9.96 -8.90 -17.12
N SER B 65 -9.25 -8.43 -18.15
CA SER B 65 -9.13 -9.22 -19.36
C SER B 65 -7.83 -8.87 -20.08
N GLY B 66 -7.45 -9.72 -21.03
CA GLY B 66 -6.24 -9.50 -21.79
C GLY B 66 -5.33 -10.72 -21.79
N SER B 67 -4.32 -10.67 -22.63
CA SER B 67 -3.36 -11.74 -22.74
C SER B 67 -2.31 -11.28 -23.71
N GLY B 68 -1.07 -11.68 -23.46
CA GLY B 68 0.03 -11.31 -24.34
C GLY B 68 0.72 -10.07 -23.82
N THR B 69 0.36 -8.92 -24.41
CA THR B 69 0.97 -7.66 -24.03
C THR B 69 -0.08 -6.59 -23.68
N ASP B 70 -1.34 -6.84 -23.99
CA ASP B 70 -2.38 -5.88 -23.68
C ASP B 70 -3.39 -6.38 -22.66
N PHE B 71 -3.50 -5.66 -21.54
CA PHE B 71 -4.41 -6.04 -20.45
C PHE B 71 -5.33 -4.91 -19.99
N THR B 72 -6.51 -5.29 -19.52
CA THR B 72 -7.47 -4.29 -19.08
C THR B 72 -8.17 -4.64 -17.78
N LEU B 73 -8.24 -3.66 -16.89
CA LEU B 73 -8.96 -3.83 -15.64
C LEU B 73 -10.20 -2.96 -15.81
N SER B 74 -11.40 -3.53 -15.71
CA SER B 74 -12.59 -2.70 -15.86
C SER B 74 -13.39 -2.62 -14.58
N ILE B 75 -14.21 -1.57 -14.48
CA ILE B 75 -15.10 -1.35 -13.34
C ILE B 75 -16.46 -1.02 -13.95
N ASN B 76 -17.42 -1.93 -13.84
CA ASN B 76 -18.77 -1.73 -14.36
C ASN B 76 -19.54 -0.85 -13.37
N SER B 77 -19.78 0.41 -13.73
CA SER B 77 -20.50 1.33 -12.84
C SER B 77 -19.64 1.72 -11.64
N VAL B 78 -18.75 2.67 -11.87
CA VAL B 78 -17.83 3.13 -10.83
C VAL B 78 -18.52 3.95 -9.75
N GLU B 79 -17.97 3.89 -8.54
CA GLU B 79 -18.52 4.64 -7.43
C GLU B 79 -17.40 5.19 -6.56
N SER B 80 -17.75 6.10 -5.67
CA SER B 80 -16.79 6.76 -4.79
C SER B 80 -15.74 5.91 -4.11
N GLU B 81 -16.11 4.75 -3.59
CA GLU B 81 -15.13 3.94 -2.89
C GLU B 81 -14.03 3.50 -3.83
N ASP B 82 -14.23 3.73 -5.12
CA ASP B 82 -13.27 3.31 -6.13
C ASP B 82 -12.20 4.34 -6.42
N ILE B 83 -12.29 5.49 -5.79
CA ILE B 83 -11.30 6.53 -6.02
C ILE B 83 -9.99 6.09 -5.35
N ALA B 84 -8.98 5.80 -6.18
CA ALA B 84 -7.68 5.35 -5.71
C ALA B 84 -6.68 5.21 -6.83
N ASN B 85 -5.57 4.54 -6.53
CA ASN B 85 -4.52 4.29 -7.52
C ASN B 85 -4.50 2.82 -7.88
N TYR B 86 -4.54 2.53 -9.17
CA TYR B 86 -4.50 1.14 -9.65
C TYR B 86 -3.17 0.85 -10.30
N TYR B 87 -2.62 -0.32 -9.98
CA TYR B 87 -1.33 -0.77 -10.49
C TYR B 87 -1.43 -2.17 -11.02
N CYS B 88 -0.59 -2.49 -12.00
CA CYS B 88 -0.53 -3.86 -12.51
C CYS B 88 0.86 -4.35 -12.15
N GLN B 89 1.02 -5.67 -12.13
CA GLN B 89 2.27 -6.28 -11.78
C GLN B 89 2.41 -7.61 -12.55
N GLN B 90 3.60 -7.90 -13.09
CA GLN B 90 3.76 -9.15 -13.83
C GLN B 90 4.65 -10.13 -13.10
N SER B 91 4.34 -11.41 -13.28
CA SER B 91 5.09 -12.50 -12.67
C SER B 91 5.53 -13.41 -13.80
N ASN B 92 5.57 -12.92 -15.03
CA ASN B 92 5.98 -13.80 -16.09
C ASN B 92 7.46 -14.14 -16.07
N ARG B 93 8.28 -13.12 -15.91
CA ARG B 93 9.75 -13.27 -15.90
C ARG B 93 10.35 -12.50 -14.73
N TRP B 94 11.51 -12.96 -14.25
CA TRP B 94 12.17 -12.32 -13.13
C TRP B 94 12.93 -11.10 -13.66
N PRO B 95 12.95 -10.01 -12.90
CA PRO B 95 12.31 -9.78 -11.59
C PRO B 95 10.89 -9.28 -11.79
N PHE B 96 10.03 -9.51 -10.82
CA PHE B 96 8.65 -9.01 -10.89
C PHE B 96 8.74 -7.49 -11.11
N THR B 97 7.76 -6.89 -11.78
CA THR B 97 7.80 -5.43 -12.00
C THR B 97 6.42 -4.83 -11.86
N PHE B 98 6.36 -3.54 -11.56
CA PHE B 98 5.10 -2.82 -11.36
C PHE B 98 4.84 -1.74 -12.40
N GLY B 99 3.57 -1.47 -12.68
CA GLY B 99 3.21 -0.45 -13.65
C GLY B 99 3.42 0.90 -12.99
N SER B 100 3.45 1.96 -13.78
CA SER B 100 3.68 3.30 -13.23
C SER B 100 2.51 3.79 -12.36
N GLY B 101 1.30 3.34 -12.68
CA GLY B 101 0.14 3.73 -11.90
C GLY B 101 -0.92 4.53 -12.64
N THR B 102 -2.17 4.38 -12.23
CA THR B 102 -3.28 5.11 -12.80
C THR B 102 -4.21 5.53 -11.65
N LYS B 103 -4.54 6.81 -11.62
CA LYS B 103 -5.41 7.39 -10.62
C LYS B 103 -6.84 7.49 -11.18
N LEU B 104 -7.82 7.01 -10.41
CA LEU B 104 -9.22 7.12 -10.83
C LEU B 104 -9.82 8.35 -10.18
N GLU B 105 -10.46 9.17 -11.00
CA GLU B 105 -11.08 10.41 -10.54
C GLU B 105 -12.53 10.50 -11.00
N ILE B 106 -13.42 10.84 -10.08
CA ILE B 106 -14.84 10.94 -10.41
C ILE B 106 -15.30 12.37 -10.60
N LYS B 107 -16.25 12.57 -11.50
CA LYS B 107 -16.79 13.90 -11.78
C LYS B 107 -18.24 13.95 -11.30
N ARG B 108 -18.44 14.46 -10.09
CA ARG B 108 -19.77 14.57 -9.48
C ARG B 108 -20.34 15.96 -9.70
N ALA B 109 -21.52 16.21 -9.15
CA ALA B 109 -22.17 17.51 -9.28
C ALA B 109 -21.45 18.56 -8.44
N ASP B 110 -21.50 19.82 -8.86
CA ASP B 110 -20.85 20.90 -8.14
C ASP B 110 -21.36 20.99 -6.70
N ALA B 111 -20.45 21.14 -5.76
CA ALA B 111 -20.81 21.25 -4.35
C ALA B 111 -20.15 22.47 -3.76
N ALA B 112 -20.93 23.22 -2.97
CA ALA B 112 -20.42 24.41 -2.33
C ALA B 112 -19.73 23.98 -1.03
N PRO B 113 -18.68 24.69 -0.66
CA PRO B 113 -17.94 24.36 0.56
C PRO B 113 -18.69 24.68 1.85
N THR B 114 -18.37 23.94 2.89
CA THR B 114 -18.96 24.15 4.21
C THR B 114 -17.81 24.76 5.01
N VAL B 115 -17.84 26.08 5.16
CA VAL B 115 -16.78 26.77 5.88
C VAL B 115 -17.00 26.70 7.38
N SER B 116 -15.90 26.75 8.13
CA SER B 116 -15.94 26.69 9.58
C SER B 116 -14.66 27.29 10.16
N ILE B 117 -14.78 28.37 10.91
CA ILE B 117 -13.60 28.99 11.49
C ILE B 117 -13.47 28.55 12.94
N PHE B 118 -12.24 28.37 13.42
CA PHE B 118 -12.03 27.93 14.80
C PHE B 118 -11.01 28.80 15.53
N PRO B 119 -11.41 29.37 16.67
CA PRO B 119 -10.52 30.21 17.47
C PRO B 119 -9.44 29.32 18.09
N PRO B 120 -8.25 29.88 18.35
CA PRO B 120 -7.20 29.07 18.96
C PRO B 120 -7.68 28.46 20.26
N SER B 121 -7.14 27.29 20.62
CA SER B 121 -7.55 26.64 21.85
C SER B 121 -6.88 27.26 23.06
N SER B 122 -7.50 27.08 24.22
CA SER B 122 -6.97 27.60 25.48
C SER B 122 -5.59 27.02 25.80
N GLU B 123 -5.50 25.69 25.77
CA GLU B 123 -4.26 24.99 26.06
C GLU B 123 -3.16 25.49 25.16
N GLN B 124 -3.52 25.88 23.94
CA GLN B 124 -2.55 26.38 22.98
C GLN B 124 -2.01 27.73 23.44
N LEU B 125 -2.93 28.64 23.79
CA LEU B 125 -2.55 29.97 24.24
C LEU B 125 -1.66 29.86 25.48
N THR B 126 -1.95 28.88 26.34
CA THR B 126 -1.20 28.62 27.57
C THR B 126 0.29 28.35 27.30
N SER B 127 0.57 27.48 26.34
CA SER B 127 1.92 27.12 25.97
C SER B 127 2.58 28.25 25.18
N GLY B 128 1.79 29.26 24.83
CA GLY B 128 2.32 30.39 24.08
C GLY B 128 2.15 30.26 22.57
N GLY B 129 1.14 30.94 22.03
CA GLY B 129 0.89 30.88 20.60
C GLY B 129 -0.58 30.61 20.31
N ALA B 130 -1.08 31.12 19.19
CA ALA B 130 -2.46 30.92 18.80
C ALA B 130 -2.60 30.59 17.31
N SER B 131 -3.48 29.64 16.99
CA SER B 131 -3.72 29.25 15.60
C SER B 131 -5.20 29.20 15.26
N VAL B 132 -5.61 30.03 14.30
CA VAL B 132 -7.00 30.10 13.88
C VAL B 132 -7.18 29.20 12.65
N VAL B 133 -7.88 28.08 12.84
CA VAL B 133 -8.09 27.13 11.77
C VAL B 133 -9.42 27.34 11.06
N CYS B 134 -9.42 27.13 9.76
CA CYS B 134 -10.65 27.28 8.98
C CYS B 134 -10.75 26.05 8.04
N PHE B 135 -11.90 25.40 8.02
CA PHE B 135 -12.12 24.22 7.19
C PHE B 135 -13.11 24.47 6.06
N LEU B 136 -12.69 24.18 4.83
CA LEU B 136 -13.55 24.30 3.65
C LEU B 136 -13.84 22.85 3.31
N ASN B 137 -15.03 22.37 3.65
CA ASN B 137 -15.38 20.98 3.43
C ASN B 137 -16.44 20.63 2.40
N ASN B 138 -16.16 19.50 1.73
CA ASN B 138 -17.00 18.87 0.70
C ASN B 138 -17.34 19.68 -0.54
N PHE B 139 -16.38 20.45 -1.01
CA PHE B 139 -16.59 21.27 -2.19
C PHE B 139 -16.11 20.60 -3.48
N TYR B 140 -16.75 20.97 -4.59
CA TYR B 140 -16.40 20.42 -5.87
C TYR B 140 -16.84 21.39 -6.99
N PRO B 141 -15.96 21.64 -7.98
CA PRO B 141 -14.61 21.10 -8.16
C PRO B 141 -13.62 21.46 -7.07
N LYS B 142 -12.42 20.90 -7.13
CA LYS B 142 -11.44 21.16 -6.11
C LYS B 142 -10.79 22.54 -6.15
N ASP B 143 -11.07 23.28 -7.21
CA ASP B 143 -10.50 24.62 -7.36
C ASP B 143 -11.17 25.57 -6.40
N ILE B 144 -10.38 26.13 -5.48
CA ILE B 144 -10.93 27.05 -4.51
C ILE B 144 -9.87 27.96 -3.89
N ASN B 145 -10.28 29.17 -3.55
CA ASN B 145 -9.39 30.15 -2.95
C ASN B 145 -9.93 30.66 -1.63
N VAL B 146 -9.04 30.79 -0.66
CA VAL B 146 -9.39 31.24 0.68
C VAL B 146 -8.60 32.49 1.12
N LYS B 147 -9.31 33.60 1.35
CA LYS B 147 -8.67 34.85 1.78
C LYS B 147 -8.75 35.11 3.30
N TRP B 148 -7.64 35.54 3.89
CA TRP B 148 -7.64 35.86 5.31
C TRP B 148 -7.64 37.36 5.51
N LYS B 149 -8.48 37.83 6.44
CA LYS B 149 -8.58 39.25 6.75
C LYS B 149 -8.59 39.44 8.26
N ILE B 150 -7.62 40.18 8.77
CA ILE B 150 -7.53 40.47 10.20
C ILE B 150 -8.02 41.91 10.42
N ASP B 151 -8.99 42.07 11.33
CA ASP B 151 -9.56 43.39 11.60
C ASP B 151 -9.83 44.12 10.30
N GLY B 152 -10.48 43.42 9.38
CA GLY B 152 -10.82 43.98 8.10
C GLY B 152 -9.72 43.98 7.04
N SER B 153 -8.47 43.88 7.48
CA SER B 153 -7.34 43.88 6.55
C SER B 153 -6.79 42.50 6.21
N GLU B 154 -6.74 42.21 4.91
CA GLU B 154 -6.24 40.93 4.42
C GLU B 154 -4.92 40.55 5.06
N ARG B 155 -4.81 39.30 5.48
CA ARG B 155 -3.61 38.77 6.10
C ARG B 155 -2.96 37.71 5.19
N GLN B 156 -1.68 37.44 5.41
CA GLN B 156 -0.97 36.44 4.60
C GLN B 156 0.20 35.77 5.32
N ASN B 157 0.97 36.54 6.08
CA ASN B 157 2.11 35.97 6.79
C ASN B 157 1.67 34.99 7.88
N GLY B 158 2.13 33.75 7.76
CA GLY B 158 1.80 32.73 8.75
C GLY B 158 0.69 31.78 8.32
N VAL B 159 0.18 31.98 7.11
CA VAL B 159 -0.88 31.13 6.61
C VAL B 159 -0.39 29.90 5.84
N LEU B 160 -0.80 28.72 6.30
CA LEU B 160 -0.42 27.45 5.66
C LEU B 160 -1.65 26.62 5.33
N ASN B 161 -1.91 26.47 4.03
CA ASN B 161 -3.06 25.69 3.57
C ASN B 161 -2.69 24.23 3.40
N SER B 162 -3.69 23.41 3.09
CA SER B 162 -3.49 21.99 2.89
C SER B 162 -4.75 21.41 2.29
N TRP B 163 -4.60 20.70 1.16
CA TRP B 163 -5.74 20.12 0.47
C TRP B 163 -5.78 18.60 0.63
N THR B 164 -6.94 18.01 0.37
CA THR B 164 -7.09 16.56 0.45
C THR B 164 -7.40 16.02 -0.94
N ASP B 165 -7.06 14.75 -1.18
CA ASP B 165 -7.37 14.17 -2.48
C ASP B 165 -8.88 13.99 -2.52
N GLN B 166 -9.40 13.59 -3.66
CA GLN B 166 -10.84 13.39 -3.78
C GLN B 166 -11.26 12.34 -2.75
N ASP B 167 -12.31 12.65 -2.01
CA ASP B 167 -12.82 11.77 -0.98
C ASP B 167 -13.50 10.53 -1.55
N SER B 168 -13.15 9.37 -1.00
CA SER B 168 -13.72 8.10 -1.45
C SER B 168 -15.08 7.85 -0.81
N LYS B 169 -15.62 8.84 -0.11
CA LYS B 169 -16.94 8.70 0.51
C LYS B 169 -18.03 9.42 -0.30
N ASP B 170 -17.71 10.61 -0.82
CA ASP B 170 -18.69 11.37 -1.61
C ASP B 170 -18.12 12.01 -2.88
N SER B 171 -16.87 11.69 -3.20
CA SER B 171 -16.19 12.21 -4.39
C SER B 171 -15.95 13.73 -4.36
N THR B 172 -15.91 14.31 -3.16
CA THR B 172 -15.70 15.75 -3.08
C THR B 172 -14.26 16.08 -2.68
N TYR B 173 -14.01 17.36 -2.37
CA TYR B 173 -12.68 17.79 -1.94
C TYR B 173 -12.81 18.65 -0.69
N SER B 174 -11.72 18.77 0.05
CA SER B 174 -11.72 19.58 1.27
C SER B 174 -10.34 20.21 1.48
N MET B 175 -10.30 21.34 2.18
CA MET B 175 -9.03 22.03 2.44
C MET B 175 -9.01 22.63 3.83
N SER B 176 -7.82 22.79 4.39
CA SER B 176 -7.69 23.40 5.71
C SER B 176 -6.73 24.58 5.61
N SER B 177 -7.21 25.76 6.00
CA SER B 177 -6.40 26.98 5.97
C SER B 177 -6.10 27.40 7.41
N THR B 178 -4.82 27.57 7.72
CA THR B 178 -4.40 27.94 9.06
C THR B 178 -3.58 29.22 9.17
N LEU B 179 -3.93 30.04 10.15
CA LEU B 179 -3.25 31.31 10.39
C LEU B 179 -2.62 31.29 11.78
N THR B 180 -1.30 31.12 11.81
CA THR B 180 -0.56 31.06 13.07
C THR B 180 0.06 32.41 13.43
N LEU B 181 0.22 32.64 14.73
CA LEU B 181 0.79 33.87 15.25
C LEU B 181 0.96 33.74 16.77
N THR B 182 2.01 34.35 17.30
CA THR B 182 2.28 34.30 18.75
C THR B 182 1.11 34.91 19.51
N LYS B 183 1.02 34.64 20.81
CA LYS B 183 -0.06 35.20 21.62
C LYS B 183 -0.15 36.70 21.39
N ASP B 184 0.98 37.38 21.57
CA ASP B 184 1.04 38.83 21.37
C ASP B 184 0.33 39.23 20.10
N GLU B 185 0.92 38.85 18.97
CA GLU B 185 0.35 39.17 17.67
C GLU B 185 -1.15 38.92 17.66
N TYR B 186 -1.58 37.88 18.37
CA TYR B 186 -2.99 37.52 18.43
C TYR B 186 -3.78 38.43 19.38
N GLU B 187 -3.10 38.95 20.41
CA GLU B 187 -3.74 39.82 21.40
C GLU B 187 -4.23 41.13 20.80
N ARG B 188 -3.31 41.92 20.27
CA ARG B 188 -3.70 43.21 19.69
C ARG B 188 -4.44 43.09 18.35
N HIS B 189 -5.61 42.47 18.41
CA HIS B 189 -6.50 42.27 17.25
C HIS B 189 -7.82 41.68 17.76
N ASN B 190 -8.91 42.05 17.09
CA ASN B 190 -10.23 41.59 17.49
C ASN B 190 -10.89 40.62 16.52
N SER B 191 -11.12 41.06 15.29
CA SER B 191 -11.76 40.21 14.29
C SER B 191 -10.82 39.45 13.36
N TYR B 192 -11.14 38.18 13.13
CA TYR B 192 -10.37 37.30 12.26
C TYR B 192 -11.36 36.73 11.25
N THR B 193 -11.13 36.99 9.97
CA THR B 193 -12.03 36.52 8.91
C THR B 193 -11.40 35.48 8.01
N CYS B 194 -12.25 34.60 7.49
CA CYS B 194 -11.82 33.54 6.59
C CYS B 194 -12.86 33.54 5.46
N GLU B 195 -12.42 33.94 4.27
CA GLU B 195 -13.30 34.02 3.10
C GLU B 195 -13.01 32.90 2.13
N ALA B 196 -14.01 32.48 1.37
CA ALA B 196 -13.82 31.41 0.42
C ALA B 196 -14.51 31.70 -0.90
N THR B 197 -13.70 31.73 -1.96
CA THR B 197 -14.18 32.00 -3.31
C THR B 197 -14.22 30.68 -4.09
N HIS B 198 -15.41 30.31 -4.56
CA HIS B 198 -15.57 29.06 -5.27
C HIS B 198 -16.52 29.19 -6.44
N LYS B 199 -16.41 28.26 -7.37
CA LYS B 199 -17.22 28.23 -8.57
C LYS B 199 -18.72 28.25 -8.31
N THR B 200 -19.16 27.67 -7.19
CA THR B 200 -20.59 27.58 -6.89
C THR B 200 -21.33 28.88 -6.64
N SER B 201 -20.62 29.88 -6.14
CA SER B 201 -21.25 31.16 -5.82
C SER B 201 -20.41 32.34 -6.32
N THR B 202 -21.07 33.28 -7.00
CA THR B 202 -20.39 34.47 -7.51
C THR B 202 -19.93 35.30 -6.32
N SER B 203 -20.54 35.04 -5.17
CA SER B 203 -20.22 35.75 -3.93
C SER B 203 -19.42 34.83 -3.00
N PRO B 204 -18.46 35.40 -2.28
CA PRO B 204 -17.63 34.61 -1.36
C PRO B 204 -18.31 34.26 -0.05
N ILE B 205 -18.08 33.04 0.42
CA ILE B 205 -18.64 32.58 1.68
C ILE B 205 -17.60 32.86 2.77
N VAL B 206 -17.98 33.65 3.77
CA VAL B 206 -17.03 33.97 4.82
C VAL B 206 -17.51 33.61 6.22
N LYS B 207 -16.56 33.46 7.12
CA LYS B 207 -16.80 33.14 8.51
C LYS B 207 -15.73 33.89 9.29
N SER B 208 -16.07 34.34 10.49
CA SER B 208 -15.13 35.08 11.34
C SER B 208 -15.57 35.12 12.79
N PHE B 209 -14.64 35.43 13.68
CA PHE B 209 -14.92 35.51 15.10
C PHE B 209 -14.13 36.68 15.72
N ASN B 210 -14.39 36.97 17.00
CA ASN B 210 -13.71 38.05 17.73
C ASN B 210 -13.23 37.52 19.07
N ARG B 211 -11.97 37.77 19.40
CA ARG B 211 -11.45 37.32 20.69
C ARG B 211 -11.97 38.24 21.78
N ASN B 212 -13.29 38.43 21.78
CA ASN B 212 -14.00 39.28 22.74
C ASN B 212 -13.20 39.58 24.00
N SER C 1 6.71 -57.75 -2.82
CA SER C 1 6.67 -59.11 -3.45
C SER C 1 8.00 -59.40 -4.16
N ALA C 2 7.96 -59.39 -5.49
CA ALA C 2 9.12 -59.66 -6.35
C ALA C 2 10.03 -58.43 -6.46
N LEU C 3 11.34 -58.68 -6.48
CA LEU C 3 12.34 -57.60 -6.59
C LEU C 3 11.98 -56.58 -7.66
N HIS C 4 12.03 -56.99 -8.93
CA HIS C 4 11.73 -56.10 -10.02
C HIS C 4 10.45 -55.30 -9.82
N TRP C 5 9.43 -55.97 -9.30
CA TRP C 5 8.14 -55.33 -9.04
C TRP C 5 8.25 -54.26 -7.96
N ARG C 6 9.11 -54.52 -6.98
CA ARG C 6 9.31 -53.60 -5.89
C ARG C 6 10.17 -52.43 -6.36
N ALA C 7 11.27 -52.75 -7.04
CA ALA C 7 12.16 -51.70 -7.53
C ALA C 7 11.43 -50.71 -8.44
N ALA C 8 10.43 -51.21 -9.18
CA ALA C 8 9.65 -50.36 -10.07
C ALA C 8 8.85 -49.37 -9.25
N GLY C 9 8.03 -49.88 -8.35
CA GLY C 9 7.24 -49.02 -7.50
C GLY C 9 8.12 -48.06 -6.75
N ALA C 10 9.26 -48.54 -6.25
CA ALA C 10 10.17 -47.67 -5.52
C ALA C 10 10.66 -46.56 -6.45
N ALA C 11 10.81 -46.89 -7.72
CA ALA C 11 11.25 -45.92 -8.71
C ALA C 11 10.16 -44.86 -8.92
N THR C 12 8.91 -45.27 -8.75
CA THR C 12 7.77 -44.37 -8.91
C THR C 12 7.59 -43.42 -7.73
N VAL C 13 7.81 -43.93 -6.53
CA VAL C 13 7.65 -43.08 -5.37
C VAL C 13 8.77 -42.06 -5.43
N LEU C 14 9.97 -42.54 -5.74
CA LEU C 14 11.16 -41.71 -5.83
C LEU C 14 10.95 -40.63 -6.89
N LEU C 15 10.32 -41.00 -8.01
CA LEU C 15 10.04 -40.04 -9.08
C LEU C 15 9.23 -38.89 -8.55
N VAL C 16 8.05 -39.18 -8.00
CA VAL C 16 7.18 -38.17 -7.42
C VAL C 16 7.97 -37.25 -6.49
N ILE C 17 8.85 -37.82 -5.68
CA ILE C 17 9.63 -36.99 -4.78
C ILE C 17 10.53 -36.02 -5.53
N VAL C 18 11.29 -36.54 -6.49
CA VAL C 18 12.20 -35.75 -7.33
C VAL C 18 11.40 -34.67 -8.05
N LEU C 19 10.20 -35.02 -8.53
CA LEU C 19 9.34 -34.07 -9.20
C LEU C 19 9.06 -32.90 -8.26
N LEU C 20 8.60 -33.18 -7.04
CA LEU C 20 8.32 -32.09 -6.09
C LEU C 20 9.58 -31.31 -5.68
N ALA C 21 10.65 -31.99 -5.31
CA ALA C 21 11.85 -31.27 -4.92
C ALA C 21 12.39 -30.52 -6.12
N GLY C 22 12.15 -31.09 -7.31
CA GLY C 22 12.59 -30.45 -8.54
C GLY C 22 11.93 -29.09 -8.69
N SER C 23 10.62 -29.05 -8.46
CA SER C 23 9.84 -27.82 -8.55
C SER C 23 10.34 -26.76 -7.60
N TYR C 24 10.63 -27.19 -6.38
CA TYR C 24 11.10 -26.28 -5.33
C TYR C 24 12.48 -25.72 -5.69
N LEU C 25 13.40 -26.65 -5.92
CA LEU C 25 14.77 -26.29 -6.26
C LEU C 25 14.89 -25.50 -7.54
N ALA C 26 14.06 -25.79 -8.54
CA ALA C 26 14.15 -25.05 -9.77
C ALA C 26 13.85 -23.57 -9.52
N VAL C 27 12.73 -23.29 -8.85
CA VAL C 27 12.35 -21.91 -8.55
C VAL C 27 13.41 -21.20 -7.71
N LEU C 28 13.98 -21.95 -6.77
CA LEU C 28 15.00 -21.42 -5.87
C LEU C 28 16.23 -20.98 -6.65
N ALA C 29 16.56 -21.77 -7.66
CA ALA C 29 17.71 -21.53 -8.52
C ALA C 29 17.50 -20.50 -9.63
N GLU C 30 16.35 -20.55 -10.26
CA GLU C 30 16.02 -19.63 -11.35
C GLU C 30 15.69 -18.20 -10.91
N ARG C 31 15.01 -18.07 -9.77
CA ARG C 31 14.65 -16.76 -9.25
C ARG C 31 15.97 -16.03 -8.98
N GLY C 32 16.11 -14.82 -9.52
CA GLY C 32 17.36 -14.11 -9.36
C GLY C 32 18.08 -13.96 -10.70
N ALA C 33 17.64 -14.68 -11.74
CA ALA C 33 18.24 -14.61 -13.09
C ALA C 33 17.30 -13.83 -14.02
N PRO C 34 17.73 -12.65 -14.50
CA PRO C 34 16.91 -11.82 -15.38
C PRO C 34 16.39 -12.55 -16.59
N GLY C 35 15.09 -12.50 -16.80
CA GLY C 35 14.52 -13.19 -17.94
C GLY C 35 14.08 -14.61 -17.64
N ALA C 36 14.56 -15.17 -16.53
CA ALA C 36 14.15 -16.51 -16.17
C ALA C 36 12.62 -16.59 -16.05
N GLN C 37 12.03 -17.70 -16.56
CA GLN C 37 10.58 -17.94 -16.54
C GLN C 37 10.16 -19.12 -15.66
N LEU C 38 11.13 -19.86 -15.16
CA LEU C 38 10.82 -21.01 -14.32
C LEU C 38 10.80 -20.49 -12.89
N ILE C 39 9.91 -19.52 -12.60
CA ILE C 39 9.89 -18.88 -11.29
C ILE C 39 8.70 -18.95 -10.33
N THR C 40 7.75 -19.83 -10.59
CA THR C 40 6.62 -20.00 -9.71
C THR C 40 6.41 -21.50 -9.65
N TYR C 41 6.09 -21.99 -8.46
CA TYR C 41 5.89 -23.42 -8.23
C TYR C 41 4.93 -24.20 -9.13
N PRO C 42 3.67 -23.77 -9.24
CA PRO C 42 2.74 -24.51 -10.12
C PRO C 42 3.33 -24.82 -11.52
N ARG C 43 3.80 -23.82 -12.25
CA ARG C 43 4.36 -24.12 -13.57
C ARG C 43 5.68 -24.91 -13.44
N ALA C 44 6.47 -24.66 -12.39
CA ALA C 44 7.71 -25.42 -12.25
C ALA C 44 7.43 -26.89 -12.06
N LEU C 45 6.28 -27.23 -11.51
CA LEU C 45 5.93 -28.64 -11.34
C LEU C 45 5.64 -29.26 -12.71
N TRP C 46 4.94 -28.50 -13.57
CA TRP C 46 4.57 -28.92 -14.93
C TRP C 46 5.83 -29.01 -15.80
N TRP C 47 6.82 -28.19 -15.48
CA TRP C 47 8.09 -28.22 -16.18
C TRP C 47 8.77 -29.52 -15.80
N ALA C 48 8.74 -29.83 -14.52
CA ALA C 48 9.37 -31.05 -14.04
C ALA C 48 8.75 -32.26 -14.75
N CYS C 49 7.43 -32.31 -14.83
CA CYS C 49 6.75 -33.43 -15.49
C CYS C 49 7.15 -33.64 -16.93
N GLU C 50 7.15 -32.56 -17.70
CA GLU C 50 7.50 -32.70 -19.09
C GLU C 50 8.98 -32.96 -19.32
N THR C 51 9.79 -32.70 -18.31
CA THR C 51 11.24 -32.96 -18.38
C THR C 51 11.48 -34.45 -18.07
N ALA C 52 10.93 -34.92 -16.96
CA ALA C 52 11.08 -36.31 -16.55
C ALA C 52 10.61 -37.26 -17.64
N THR C 53 9.55 -36.91 -18.35
CA THR C 53 9.03 -37.76 -19.43
C THR C 53 9.85 -37.53 -20.71
N THR C 54 10.61 -36.44 -20.73
CA THR C 54 11.46 -36.02 -21.86
C THR C 54 10.73 -35.37 -23.04
N VAL C 55 9.46 -35.03 -22.87
CA VAL C 55 8.68 -34.39 -23.92
C VAL C 55 9.14 -32.92 -24.08
N GLY C 56 9.90 -32.39 -23.13
CA GLY C 56 10.34 -31.00 -23.21
C GLY C 56 9.79 -30.13 -24.33
N TYR C 57 8.61 -29.54 -24.14
CA TYR C 57 7.97 -28.69 -25.16
C TYR C 57 8.73 -27.39 -25.37
C GOA C 58 9.61 -24.52 -24.16
CA GOA C 58 10.34 -25.79 -24.57
O GOA C 58 10.16 -23.42 -24.34
O2 GOA C 58 9.60 -27.03 -24.43
N ASP C 59 8.39 -24.64 -23.62
CA ASP C 59 7.63 -23.46 -23.16
C ASP C 59 8.24 -22.94 -21.87
N LEU C 60 9.06 -23.77 -21.22
CA LEU C 60 9.74 -23.41 -19.97
C LEU C 60 11.03 -24.19 -19.86
N TYR C 61 12.12 -23.53 -19.49
CA TYR C 61 13.38 -24.27 -19.31
C TYR C 61 14.30 -23.46 -18.43
N PRO C 62 15.19 -24.13 -17.71
CA PRO C 62 16.09 -23.39 -16.84
C PRO C 62 17.15 -22.65 -17.63
N VAL C 63 17.70 -21.59 -17.05
CA VAL C 63 18.75 -20.81 -17.69
C VAL C 63 19.97 -20.58 -16.78
N THR C 64 19.88 -20.89 -15.49
CA THR C 64 21.00 -20.73 -14.57
C THR C 64 21.72 -22.09 -14.45
N LEU C 65 22.98 -22.08 -13.99
CA LEU C 65 23.76 -23.32 -13.81
C LEU C 65 23.07 -24.31 -12.85
N TRP C 66 22.59 -23.84 -11.70
CA TRP C 66 21.96 -24.76 -10.77
C TRP C 66 20.61 -25.26 -11.25
N GLY C 67 19.91 -24.44 -12.03
CA GLY C 67 18.64 -24.87 -12.57
C GLY C 67 18.87 -26.01 -13.54
N ARG C 68 19.91 -25.87 -14.37
CA ARG C 68 20.24 -26.93 -15.33
C ARG C 68 20.67 -28.23 -14.62
N LEU C 69 21.41 -28.10 -13.53
CA LEU C 69 21.83 -29.28 -12.79
C LEU C 69 20.58 -29.96 -12.23
N VAL C 70 19.65 -29.18 -11.68
CA VAL C 70 18.41 -29.73 -11.16
C VAL C 70 17.65 -30.43 -12.32
N ALA C 71 17.72 -29.82 -13.51
CA ALA C 71 17.06 -30.38 -14.68
C ALA C 71 17.67 -31.73 -15.04
N VAL C 72 19.00 -31.78 -14.99
CA VAL C 72 19.73 -33.02 -15.32
C VAL C 72 19.29 -34.17 -14.40
N VAL C 73 19.13 -33.88 -13.11
CA VAL C 73 18.72 -34.88 -12.13
C VAL C 73 17.28 -35.37 -12.43
N VAL C 74 16.36 -34.43 -12.69
CA VAL C 74 14.98 -34.81 -13.00
C VAL C 74 14.94 -35.69 -14.26
N MET C 75 15.69 -35.31 -15.30
CA MET C 75 15.75 -36.08 -16.54
C MET C 75 16.14 -37.52 -16.28
N VAL C 76 17.28 -37.67 -15.62
CA VAL C 76 17.79 -38.98 -15.29
C VAL C 76 16.87 -39.78 -14.40
N ALA C 77 16.25 -39.14 -13.42
CA ALA C 77 15.35 -39.86 -12.53
C ALA C 77 14.16 -40.37 -13.34
N GLY C 78 13.59 -39.51 -14.16
CA GLY C 78 12.46 -39.90 -14.98
C GLY C 78 12.86 -41.00 -15.94
N ILE C 79 13.98 -40.84 -16.64
CA ILE C 79 14.38 -41.88 -17.57
C ILE C 79 14.69 -43.19 -16.85
N THR C 80 15.43 -43.13 -15.75
CA THR C 80 15.74 -44.35 -15.01
C THR C 80 14.45 -45.05 -14.61
N SER C 81 13.54 -44.32 -13.97
CA SER C 81 12.26 -44.87 -13.52
C SER C 81 11.49 -45.53 -14.65
N PHE C 82 11.15 -44.74 -15.66
CA PHE C 82 10.39 -45.28 -16.78
C PHE C 82 11.12 -46.48 -17.38
N GLY C 83 12.44 -46.54 -17.19
CA GLY C 83 13.23 -47.63 -17.73
C GLY C 83 13.28 -48.82 -16.78
N LEU C 84 12.98 -48.56 -15.52
CA LEU C 84 12.97 -49.60 -14.50
C LEU C 84 11.63 -50.31 -14.51
N VAL C 85 10.63 -49.70 -15.16
CA VAL C 85 9.31 -50.30 -15.24
C VAL C 85 9.27 -51.19 -16.49
N THR C 86 10.07 -50.84 -17.50
CA THR C 86 10.10 -51.63 -18.71
C THR C 86 10.79 -52.95 -18.40
N ALA C 87 11.84 -52.91 -17.60
CA ALA C 87 12.58 -54.10 -17.24
C ALA C 87 11.75 -54.98 -16.33
N ALA C 88 10.83 -54.39 -15.59
CA ALA C 88 9.99 -55.16 -14.68
C ALA C 88 8.89 -55.85 -15.47
N LEU C 89 8.50 -55.24 -16.58
CA LEU C 89 7.47 -55.80 -17.45
C LEU C 89 8.07 -56.89 -18.30
N ALA C 90 9.38 -56.81 -18.54
CA ALA C 90 10.06 -57.80 -19.33
C ALA C 90 10.30 -59.02 -18.42
N THR C 91 10.62 -58.77 -17.15
CA THR C 91 10.86 -59.88 -16.24
C THR C 91 9.57 -60.64 -16.00
N TRP C 92 8.48 -59.90 -15.94
CA TRP C 92 7.20 -60.52 -15.71
C TRP C 92 6.80 -61.38 -16.91
N PHE C 93 6.92 -60.80 -18.10
CA PHE C 93 6.55 -61.52 -19.32
C PHE C 93 7.39 -62.74 -19.62
N VAL C 94 8.69 -62.63 -19.37
CA VAL C 94 9.61 -63.72 -19.61
C VAL C 94 9.31 -64.83 -18.60
N GLY C 95 9.60 -64.55 -17.33
CA GLY C 95 9.35 -65.54 -16.30
C GLY C 95 8.01 -66.22 -16.42
N ARG C 96 6.98 -65.46 -16.79
CA ARG C 96 5.64 -66.03 -16.92
C ARG C 96 5.54 -66.97 -18.10
N GLU C 97 5.47 -66.43 -19.30
CA GLU C 97 5.36 -67.24 -20.50
C GLU C 97 6.28 -68.47 -20.46
N GLN C 98 7.38 -68.41 -19.71
CA GLN C 98 8.30 -69.55 -19.61
C GLN C 98 7.57 -70.78 -19.07
N GLU C 99 6.44 -70.54 -18.39
CA GLU C 99 5.64 -71.63 -17.85
C GLU C 99 4.73 -72.17 -18.95
N ARG C 100 4.24 -71.24 -19.78
CA ARG C 100 3.36 -71.57 -20.90
C ARG C 100 4.09 -72.43 -21.93
N ARG C 101 5.06 -73.21 -21.43
CA ARG C 101 5.85 -74.12 -22.25
C ARG C 101 6.08 -75.42 -21.48
CS CS D . 11.52 -33.86 -26.93
CS CS E . 10.95 -29.23 -28.02
CS CS F . 11.99 -37.77 -26.00
CS CS G . 12.87 -44.93 -24.31
O11 B3H H . 24.29 -22.50 -18.34
C11 B3H H . 25.45 -22.73 -17.95
C12 B3H H . 26.35 -23.71 -18.71
C13 B3H H . 25.85 -25.14 -18.63
C14 B3H H . 26.96 -26.09 -18.16
C15 B3H H . 26.74 -27.47 -17.88
C16 B3H H . 25.37 -28.17 -18.02
C17 B3H H . 24.59 -28.21 -16.69
C18 B3H H . 25.10 -29.28 -15.73
O21 B3H H . 30.27 -21.97 -14.76
C21 B3H H . 29.55 -22.87 -15.25
C22 B3H H . 29.77 -24.30 -14.89
C23 B3H H . 30.91 -24.89 -15.66
C41 B3H H . 26.89 -21.01 -17.02
O41 B3H H . 25.94 -22.09 -16.76
C42 B3H H . 28.16 -21.23 -16.23
O42 B3H H . 28.55 -22.57 -16.24
#